data_1RWK
#
_entry.id   1RWK
#
_cell.length_a   62.840
_cell.length_b   62.840
_cell.length_c   160.865
_cell.angle_alpha   90.00
_cell.angle_beta   90.00
_cell.angle_gamma   90.00
#
_symmetry.space_group_name_H-M   'P 43 21 2'
#
loop_
_entity.id
_entity.type
_entity.pdbx_description
1 polymer 'Interleukin-1 beta convertase'
2 polymer 'Interleukin-1 beta convertase'
3 non-polymer '3-(2-MERCAPTO-ACETYLAMINO)-4-OXO-PENTANOIC ACID'
4 water water
#
loop_
_entity_poly.entity_id
_entity_poly.type
_entity_poly.pdbx_seq_one_letter_code
_entity_poly.pdbx_strand_id
1 'polypeptide(L)'
;NPAMPTSSGSEGNVKLCSLEEAQRIWKQKSAEIYPIMDKSSRTRLALIICNEEFDSIPRRTGAEVDITGMTMLLQNLGYS
VDVKKNLTASDMTTELEAFAHRPEHKTSDSTFLVFMSHGIREGICGKKHSEQVPDILQLNAIFNMLNTKNCPSLKDKPKV
IIIQACRGDSPGVVWFKD
;
A
2 'polypeptide(L)'
;AIKKAHIEKDFIAFCSSTPDNVSWRHPTMGSVFIGRLIEHMQEYACSCDVEEIFRKVRFSFEQPDGRAQMPTTERVTLTR
CFYLFPGH
;
B
#
loop_
_chem_comp.id
_chem_comp.type
_chem_comp.name
_chem_comp.formula
158 non-polymer '3-(2-MERCAPTO-ACETYLAMINO)-4-OXO-PENTANOIC ACID' 'C7 H11 N O4 S'
#
# COMPACT_ATOMS: atom_id res chain seq x y z
N THR A 6 18.63 17.39 4.50
CA THR A 6 18.75 17.44 3.00
C THR A 6 17.98 16.32 2.30
N SER A 7 17.44 16.63 1.12
CA SER A 7 16.69 15.67 0.30
C SER A 7 17.58 14.95 -0.71
N SER A 8 18.87 15.28 -0.72
CA SER A 8 19.84 14.67 -1.61
C SER A 8 20.23 13.24 -1.19
N GLY A 9 19.88 12.87 0.04
CA GLY A 9 20.13 11.54 0.56
C GLY A 9 19.17 10.48 0.04
N SER A 10 19.37 9.23 0.48
CA SER A 10 18.57 8.09 0.01
C SER A 10 17.11 8.15 0.46
N GLU A 11 16.83 8.86 1.55
CA GLU A 11 15.47 8.96 2.08
C GLU A 11 14.68 10.14 1.49
N GLY A 12 15.33 10.92 0.63
CA GLY A 12 14.70 12.01 -0.09
C GLY A 12 13.94 12.97 0.81
N ASN A 13 12.65 13.13 0.53
CA ASN A 13 11.80 14.05 1.28
C ASN A 13 11.17 13.48 2.55
N VAL A 14 11.43 12.19 2.82
CA VAL A 14 10.93 11.53 4.03
C VAL A 14 11.72 12.00 5.26
N LYS A 15 11.01 12.59 6.22
CA LYS A 15 11.60 13.06 7.46
C LYS A 15 12.23 11.90 8.22
N LEU A 16 13.44 12.12 8.70
CA LEU A 16 14.24 11.09 9.34
C LEU A 16 13.87 10.88 10.81
N CYS A 17 13.90 9.63 11.24
CA CYS A 17 13.80 9.28 12.64
C CYS A 17 15.21 9.31 13.23
N SER A 18 15.42 10.17 14.21
CA SER A 18 16.71 10.28 14.89
C SER A 18 16.90 9.13 15.87
N LEU A 19 18.15 8.90 16.29
CA LEU A 19 18.49 7.81 17.20
C LEU A 19 17.80 7.98 18.57
N GLU A 20 17.72 9.23 19.03
CA GLU A 20 17.01 9.55 20.27
C GLU A 20 15.51 9.26 20.13
N GLU A 21 14.97 9.56 18.96
CA GLU A 21 13.57 9.26 18.64
C GLU A 21 13.34 7.75 18.55
N ALA A 22 14.28 7.05 17.92
CA ALA A 22 14.21 5.61 17.72
C ALA A 22 14.34 4.82 19.03
N GLN A 23 15.13 5.36 19.96
CA GLN A 23 15.29 4.75 21.27
C GLN A 23 14.08 5.01 22.15
N ARG A 24 13.45 6.17 21.96
CA ARG A 24 12.27 6.56 22.74
C ARG A 24 11.03 5.74 22.37
N ILE A 25 10.85 5.47 21.08
CA ILE A 25 9.76 4.63 20.59
C ILE A 25 9.94 3.20 21.09
N TRP A 26 11.19 2.72 21.09
CA TRP A 26 11.54 1.39 21.59
C TRP A 26 11.44 1.28 23.11
N LYS A 27 11.42 2.43 23.79
CA LYS A 27 11.37 2.49 25.25
C LYS A 27 9.95 2.69 25.79
N GLN A 28 9.26 3.72 25.30
CA GLN A 28 7.92 4.09 25.77
C GLN A 28 6.93 2.94 25.65
N LYS A 29 6.83 2.36 24.46
CA LYS A 29 6.02 1.17 24.23
C LYS A 29 6.87 -0.08 24.41
N SER A 30 6.23 -1.19 24.82
CA SER A 30 6.93 -2.42 25.19
C SER A 30 7.46 -3.23 23.99
N ALA A 31 7.49 -4.55 24.13
CA ALA A 31 7.89 -5.45 23.06
C ALA A 31 6.69 -5.79 22.16
N GLU A 32 6.02 -4.74 21.69
CA GLU A 32 4.89 -4.87 20.77
C GLU A 32 5.11 -3.97 19.55
N ILE A 33 6.36 -3.92 19.10
CA ILE A 33 6.75 -3.27 17.85
C ILE A 33 7.39 -4.32 16.96
N TYR A 34 7.13 -4.26 15.65
CA TYR A 34 7.75 -5.17 14.70
C TYR A 34 9.27 -4.92 14.65
N PRO A 35 10.06 -5.98 14.73
CA PRO A 35 11.52 -5.87 14.67
C PRO A 35 12.01 -5.42 13.29
N ILE A 36 13.05 -4.58 13.30
CA ILE A 36 13.67 -4.10 12.07
C ILE A 36 15.01 -4.81 11.89
N MET A 37 15.26 -5.27 10.67
CA MET A 37 16.50 -5.97 10.35
C MET A 37 17.64 -4.98 10.14
N ASP A 38 18.87 -5.47 10.32
CA ASP A 38 20.09 -4.68 10.13
C ASP A 38 20.08 -4.03 8.75
N LYS A 39 20.33 -2.72 8.72
CA LYS A 39 20.35 -1.96 7.47
C LYS A 39 21.38 -2.52 6.49
N SER A 40 22.49 -3.02 7.03
CA SER A 40 23.61 -3.51 6.22
C SER A 40 23.29 -4.75 5.40
N SER A 41 22.50 -5.67 5.98
CA SER A 41 22.28 -6.97 5.37
C SER A 41 20.87 -7.19 4.78
N ARG A 42 19.88 -6.40 5.23
CA ARG A 42 18.49 -6.61 4.82
C ARG A 42 18.23 -6.34 3.34
N THR A 43 17.26 -7.06 2.78
CA THR A 43 16.90 -6.92 1.38
C THR A 43 15.40 -6.68 1.24
N ARG A 44 14.98 -5.46 1.56
CA ARG A 44 13.56 -5.08 1.50
C ARG A 44 13.06 -5.00 0.07
N LEU A 45 11.89 -5.59 -0.16
CA LEU A 45 11.28 -5.64 -1.48
C LEU A 45 9.90 -5.00 -1.50
N ALA A 46 9.57 -4.33 -2.60
CA ALA A 46 8.24 -3.78 -2.80
C ALA A 46 7.77 -3.94 -4.25
N LEU A 47 6.47 -4.10 -4.43
CA LEU A 47 5.89 -4.25 -5.76
C LEU A 47 4.80 -3.22 -6.02
N ILE A 48 4.93 -2.51 -7.14
CA ILE A 48 3.87 -1.64 -7.64
C ILE A 48 3.32 -2.23 -8.94
N ILE A 49 2.02 -2.50 -8.96
CA ILE A 49 1.32 -2.83 -10.19
C ILE A 49 0.40 -1.66 -10.55
N CYS A 50 0.68 -1.01 -11.68
CA CYS A 50 -0.12 0.13 -12.14
C CYS A 50 -0.64 -0.07 -13.56
N ASN A 51 -1.97 -0.11 -13.68
CA ASN A 51 -2.61 -0.19 -14.99
C ASN A 51 -3.05 1.20 -15.44
N GLU A 52 -2.47 1.66 -16.55
CA GLU A 52 -2.72 3.00 -17.08
C GLU A 52 -3.46 2.94 -18.42
N GLU A 53 -3.00 2.05 -19.30
CA GLU A 53 -3.58 1.89 -20.63
C GLU A 53 -4.43 0.63 -20.70
N PHE A 54 -5.71 0.82 -21.02
CA PHE A 54 -6.67 -0.29 -21.04
C PHE A 54 -7.23 -0.53 -22.43
N ASP A 55 -7.74 -1.74 -22.65
CA ASP A 55 -8.33 -2.13 -23.93
C ASP A 55 -9.64 -1.37 -24.21
N SER A 56 -10.51 -1.32 -23.21
CA SER A 56 -11.87 -0.80 -23.38
C SER A 56 -12.18 0.43 -22.54
N ILE A 57 -11.77 0.42 -21.26
CA ILE A 57 -12.08 1.50 -20.34
C ILE A 57 -11.13 2.70 -20.48
N PRO A 58 -11.58 3.90 -20.09
CA PRO A 58 -10.80 5.14 -20.26
C PRO A 58 -9.37 5.11 -19.73
N ARG A 59 -8.52 5.96 -20.32
CA ARG A 59 -7.11 6.02 -19.96
C ARG A 59 -6.89 6.74 -18.64
N ARG A 60 -6.05 6.15 -17.79
CA ARG A 60 -5.79 6.69 -16.46
C ARG A 60 -4.70 7.78 -16.51
N THR A 61 -5.04 8.91 -17.11
CA THR A 61 -4.11 10.03 -17.23
C THR A 61 -3.69 10.53 -15.86
N GLY A 62 -2.38 10.69 -15.66
CA GLY A 62 -1.82 11.09 -14.38
C GLY A 62 -1.26 9.95 -13.56
N ALA A 63 -1.32 8.74 -14.10
CA ALA A 63 -0.77 7.55 -13.44
C ALA A 63 0.73 7.66 -13.23
N GLU A 64 1.41 8.33 -14.17
CA GLU A 64 2.85 8.54 -14.12
C GLU A 64 3.29 9.24 -12.83
N VAL A 65 2.53 10.26 -12.44
CA VAL A 65 2.79 10.99 -11.20
C VAL A 65 2.69 10.06 -9.99
N ASP A 66 1.69 9.18 -10.01
CA ASP A 66 1.48 8.19 -8.93
C ASP A 66 2.61 7.18 -8.85
N ILE A 67 3.00 6.62 -9.99
CA ILE A 67 4.10 5.64 -10.07
C ILE A 67 5.40 6.26 -9.55
N THR A 68 5.75 7.43 -10.07
CA THR A 68 6.94 8.18 -9.64
C THR A 68 6.94 8.42 -8.14
N GLY A 69 5.86 9.01 -7.63
CA GLY A 69 5.71 9.33 -6.23
C GLY A 69 5.87 8.14 -5.30
N MET A 70 5.16 7.06 -5.59
CA MET A 70 5.20 5.85 -4.78
C MET A 70 6.55 5.15 -4.86
N THR A 71 7.06 5.01 -6.08
CA THR A 71 8.35 4.37 -6.32
C THR A 71 9.44 5.05 -5.50
N MET A 72 9.52 6.37 -5.58
CA MET A 72 10.50 7.14 -4.84
C MET A 72 10.29 7.02 -3.33
N LEU A 73 9.03 7.12 -2.88
CA LEU A 73 8.69 6.98 -1.47
C LEU A 73 9.13 5.65 -0.88
N LEU A 74 8.81 4.56 -1.57
CA LEU A 74 9.16 3.22 -1.10
C LEU A 74 10.67 2.98 -1.13
N GLN A 75 11.36 3.59 -2.10
CA GLN A 75 12.82 3.56 -2.15
C GLN A 75 13.40 4.36 -0.98
N ASN A 76 12.79 5.51 -0.69
CA ASN A 76 13.18 6.35 0.45
C ASN A 76 13.06 5.60 1.77
N LEU A 77 12.07 4.72 1.87
CA LEU A 77 11.84 3.93 3.08
C LEU A 77 12.70 2.68 3.12
N GLY A 78 13.50 2.47 2.08
CA GLY A 78 14.49 1.39 2.04
C GLY A 78 14.10 0.15 1.24
N TYR A 79 13.07 0.27 0.41
CA TYR A 79 12.59 -0.88 -0.38
C TYR A 79 13.08 -0.83 -1.82
N SER A 80 13.51 -1.99 -2.32
CA SER A 80 13.80 -2.17 -3.74
C SER A 80 12.47 -2.40 -4.46
N VAL A 81 12.18 -1.55 -5.45
CA VAL A 81 10.84 -1.48 -6.02
C VAL A 81 10.74 -2.10 -7.41
N ASP A 82 9.87 -3.10 -7.51
CA ASP A 82 9.48 -3.70 -8.78
C ASP A 82 8.23 -2.97 -9.30
N VAL A 83 8.31 -2.46 -10.53
CA VAL A 83 7.16 -1.76 -11.14
C VAL A 83 6.68 -2.48 -12.39
N LYS A 84 5.43 -2.94 -12.35
CA LYS A 84 4.84 -3.66 -13.48
C LYS A 84 3.58 -2.95 -13.97
N LYS A 85 3.51 -2.72 -15.28
CA LYS A 85 2.45 -1.90 -15.87
C LYS A 85 1.57 -2.66 -16.86
N ASN A 86 0.28 -2.31 -16.84
CA ASN A 86 -0.71 -2.77 -17.83
C ASN A 86 -0.81 -4.28 -17.96
N LEU A 87 -1.35 -4.91 -16.90
CA LEU A 87 -1.46 -6.35 -16.83
C LEU A 87 -2.91 -6.79 -16.66
N THR A 88 -3.22 -7.95 -17.24
CA THR A 88 -4.49 -8.63 -17.00
C THR A 88 -4.53 -9.17 -15.58
N ALA A 89 -5.71 -9.53 -15.10
CA ALA A 89 -5.87 -10.12 -13.77
C ALA A 89 -5.03 -11.40 -13.62
N SER A 90 -4.92 -12.14 -14.72
CA SER A 90 -4.10 -13.35 -14.78
C SER A 90 -2.62 -13.02 -14.64
N ASP A 91 -2.18 -11.98 -15.34
CA ASP A 91 -0.79 -11.53 -15.29
C ASP A 91 -0.42 -10.99 -13.90
N MET A 92 -1.35 -10.29 -13.27
CA MET A 92 -1.17 -9.73 -11.93
C MET A 92 -0.96 -10.86 -10.93
N THR A 93 -1.81 -11.88 -11.02
CA THR A 93 -1.70 -13.09 -10.21
C THR A 93 -0.34 -13.75 -10.38
N THR A 94 0.08 -13.92 -11.64
CA THR A 94 1.39 -14.50 -11.97
C THR A 94 2.52 -13.68 -11.35
N GLU A 95 2.43 -12.37 -11.48
CA GLU A 95 3.42 -11.44 -10.95
C GLU A 95 3.47 -11.47 -9.42
N LEU A 96 2.30 -11.58 -8.79
CA LEU A 96 2.19 -11.71 -7.34
C LEU A 96 2.81 -13.00 -6.84
N GLU A 97 2.53 -14.09 -7.55
CA GLU A 97 3.10 -15.40 -7.24
C GLU A 97 4.63 -15.38 -7.32
N ALA A 98 5.15 -14.70 -8.34
CA ALA A 98 6.59 -14.55 -8.53
C ALA A 98 7.22 -13.72 -7.41
N PHE A 99 6.51 -12.67 -6.99
CA PHE A 99 6.95 -11.80 -5.90
C PHE A 99 7.01 -12.55 -4.57
N ALA A 100 6.03 -13.41 -4.33
CA ALA A 100 5.97 -14.23 -3.11
C ALA A 100 7.12 -15.24 -3.03
N HIS A 101 7.66 -15.63 -4.17
CA HIS A 101 8.73 -16.62 -4.25
C HIS A 101 10.13 -16.00 -4.19
N ARG A 102 10.21 -14.68 -4.22
CA ARG A 102 11.48 -13.97 -4.19
C ARG A 102 12.29 -14.26 -2.92
N PRO A 103 13.54 -14.71 -3.10
CA PRO A 103 14.40 -15.10 -1.97
C PRO A 103 14.71 -13.97 -1.00
N GLU A 104 14.69 -12.73 -1.47
CA GLU A 104 15.02 -11.55 -0.65
C GLU A 104 14.10 -11.36 0.57
N HIS A 105 12.88 -11.87 0.46
CA HIS A 105 11.90 -11.79 1.55
C HIS A 105 12.38 -12.47 2.83
N LYS A 106 13.19 -13.52 2.66
CA LYS A 106 13.77 -14.27 3.77
C LYS A 106 14.67 -13.40 4.62
N THR A 107 15.38 -12.49 3.96
CA THR A 107 16.25 -11.52 4.65
C THR A 107 15.66 -10.12 4.57
N SER A 108 14.33 -10.06 4.60
CA SER A 108 13.60 -8.79 4.70
C SER A 108 12.75 -8.82 5.96
N ASP A 109 12.32 -7.66 6.42
CA ASP A 109 11.53 -7.57 7.66
C ASP A 109 10.08 -7.17 7.42
N SER A 110 9.75 -6.84 6.17
CA SER A 110 8.43 -6.31 5.80
C SER A 110 8.32 -6.20 4.29
N THR A 111 7.11 -5.88 3.81
CA THR A 111 6.89 -5.58 2.39
C THR A 111 5.74 -4.60 2.15
N PHE A 112 5.77 -3.95 0.99
CA PHE A 112 4.69 -3.10 0.53
C PHE A 112 4.19 -3.60 -0.82
N LEU A 113 2.87 -3.66 -0.99
CA LEU A 113 2.24 -3.97 -2.26
C LEU A 113 1.35 -2.81 -2.67
N VAL A 114 1.55 -2.28 -3.86
CA VAL A 114 0.74 -1.17 -4.34
C VAL A 114 0.02 -1.51 -5.64
N PHE A 115 -1.30 -1.35 -5.63
CA PHE A 115 -2.11 -1.58 -6.82
C PHE A 115 -2.80 -0.27 -7.21
N MET A 116 -2.64 0.12 -8.48
CA MET A 116 -3.24 1.34 -8.99
C MET A 116 -3.85 1.06 -10.35
N SER A 117 -5.18 1.15 -10.40
CA SER A 117 -5.94 0.80 -11.61
C SER A 117 -7.38 1.28 -11.47
N HIS A 118 -8.19 1.05 -12.50
CA HIS A 118 -9.62 1.17 -12.39
C HIS A 118 -10.11 0.04 -11.48
N GLY A 119 -11.26 0.26 -10.83
CA GLY A 119 -11.80 -0.75 -9.95
C GLY A 119 -13.32 -0.73 -9.89
N ILE A 120 -13.88 -1.88 -9.55
CA ILE A 120 -15.30 -2.02 -9.30
C ILE A 120 -15.50 -2.57 -7.89
N ARG A 121 -16.76 -2.75 -7.49
CA ARG A 121 -17.10 -3.29 -6.18
C ARG A 121 -16.42 -4.64 -5.91
N GLU A 122 -16.28 -5.45 -6.97
CA GLU A 122 -15.72 -6.79 -6.85
C GLU A 122 -14.19 -6.84 -6.77
N GLY A 123 -13.53 -5.78 -7.25
CA GLY A 123 -12.08 -5.71 -7.20
C GLY A 123 -11.41 -4.80 -8.22
N ILE A 124 -10.13 -5.07 -8.47
CA ILE A 124 -9.27 -4.25 -9.32
C ILE A 124 -9.35 -4.70 -10.79
N CYS A 125 -9.42 -3.74 -11.71
CA CYS A 125 -9.55 -4.04 -13.14
C CYS A 125 -8.22 -4.34 -13.82
N GLY A 126 -8.19 -5.44 -14.58
CA GLY A 126 -7.06 -5.76 -15.43
C GLY A 126 -7.14 -5.00 -16.74
N LYS A 127 -6.08 -5.08 -17.54
CA LYS A 127 -5.98 -4.32 -18.78
C LYS A 127 -7.08 -4.63 -19.81
N LYS A 128 -7.55 -5.87 -19.81
CA LYS A 128 -8.53 -6.36 -20.77
C LYS A 128 -9.97 -6.29 -20.26
N HIS A 129 -10.21 -5.50 -19.21
CA HIS A 129 -11.53 -5.47 -18.58
C HIS A 129 -12.58 -4.72 -19.38
N SER A 130 -13.75 -5.35 -19.48
CA SER A 130 -14.96 -4.68 -19.95
C SER A 130 -16.14 -5.28 -19.17
N GLU A 131 -17.28 -4.63 -19.26
CA GLU A 131 -18.50 -5.10 -18.59
C GLU A 131 -19.00 -6.43 -19.16
N GLN A 132 -18.78 -6.63 -20.45
CA GLN A 132 -19.18 -7.86 -21.14
C GLN A 132 -18.27 -9.03 -20.75
N VAL A 133 -16.97 -8.77 -20.75
CA VAL A 133 -15.97 -9.78 -20.37
C VAL A 133 -15.11 -9.24 -19.23
N PRO A 134 -15.50 -9.55 -17.99
CA PRO A 134 -14.78 -9.06 -16.80
C PRO A 134 -13.34 -9.56 -16.70
N ASP A 135 -12.45 -8.67 -16.23
CA ASP A 135 -11.06 -8.99 -15.99
C ASP A 135 -10.66 -8.38 -14.63
N ILE A 136 -10.96 -9.13 -13.57
CA ILE A 136 -10.88 -8.61 -12.20
C ILE A 136 -9.96 -9.43 -11.30
N LEU A 137 -9.09 -8.73 -10.59
CA LEU A 137 -8.33 -9.34 -9.50
C LEU A 137 -9.00 -8.98 -8.18
N GLN A 138 -9.40 -10.00 -7.44
CA GLN A 138 -10.06 -9.80 -6.14
C GLN A 138 -9.03 -9.54 -5.04
N LEU A 139 -9.35 -8.57 -4.18
CA LEU A 139 -8.51 -8.26 -3.03
C LEU A 139 -8.21 -9.51 -2.20
N ASN A 140 -9.21 -10.38 -2.09
CA ASN A 140 -9.09 -11.68 -1.44
C ASN A 140 -7.89 -12.49 -1.94
N ALA A 141 -7.67 -12.46 -3.26
CA ALA A 141 -6.57 -13.20 -3.89
C ALA A 141 -5.19 -12.66 -3.53
N ILE A 142 -5.08 -11.35 -3.36
CA ILE A 142 -3.83 -10.70 -2.95
C ILE A 142 -3.36 -11.19 -1.58
N PHE A 143 -4.28 -11.25 -0.62
CA PHE A 143 -4.00 -11.73 0.72
C PHE A 143 -3.59 -13.19 0.72
N ASN A 144 -4.34 -14.01 -0.04
CA ASN A 144 -4.09 -15.44 -0.15
C ASN A 144 -2.70 -15.76 -0.70
N MET A 145 -2.29 -15.01 -1.73
CA MET A 145 -0.99 -15.23 -2.38
C MET A 145 0.19 -14.78 -1.53
N LEU A 146 -0.08 -13.94 -0.52
CA LEU A 146 0.96 -13.36 0.31
C LEU A 146 0.89 -13.86 1.76
N ASN A 147 -0.06 -14.74 2.06
CA ASN A 147 -0.21 -15.29 3.42
C ASN A 147 0.89 -16.29 3.78
N THR A 148 0.76 -16.93 4.94
CA THR A 148 1.82 -17.82 5.45
C THR A 148 1.95 -19.14 4.67
N LYS A 149 0.82 -19.66 4.19
CA LYS A 149 0.81 -20.87 3.36
C LYS A 149 1.54 -20.67 2.03
N ASN A 150 1.24 -19.56 1.36
CA ASN A 150 1.72 -19.31 0.01
C ASN A 150 2.98 -18.43 -0.06
N CYS A 151 3.27 -17.75 1.04
CA CYS A 151 4.49 -16.94 1.16
C CYS A 151 5.09 -17.10 2.57
N PRO A 152 5.66 -18.28 2.87
CA PRO A 152 6.22 -18.56 4.19
C PRO A 152 7.35 -17.61 4.61
N SER A 153 8.06 -17.04 3.64
CA SER A 153 9.19 -16.14 3.91
C SER A 153 8.79 -14.86 4.64
N LEU A 154 7.54 -14.44 4.47
CA LEU A 154 7.06 -13.21 5.12
C LEU A 154 6.21 -13.46 6.35
N LYS A 155 6.25 -14.69 6.85
CA LYS A 155 5.64 -15.05 8.13
C LYS A 155 6.14 -14.09 9.22
N ASP A 156 5.22 -13.60 10.03
CA ASP A 156 5.51 -12.67 11.14
C ASP A 156 5.97 -11.28 10.71
N LYS A 157 5.90 -11.00 9.42
CA LYS A 157 6.39 -9.73 8.89
C LYS A 157 5.25 -8.89 8.33
N PRO A 158 5.28 -7.58 8.60
CA PRO A 158 4.25 -6.65 8.10
C PRO A 158 4.13 -6.68 6.59
N LYS A 159 2.91 -6.86 6.11
CA LYS A 159 2.62 -6.82 4.68
C LYS A 159 1.58 -5.71 4.44
N VAL A 160 2.03 -4.61 3.86
CA VAL A 160 1.18 -3.44 3.68
C VAL A 160 0.66 -3.36 2.25
N ILE A 161 -0.65 -3.46 2.10
CA ILE A 161 -1.29 -3.37 0.79
C ILE A 161 -1.96 -2.01 0.62
N ILE A 162 -1.64 -1.33 -0.48
CA ILE A 162 -2.24 -0.05 -0.82
C ILE A 162 -2.94 -0.17 -2.17
N ILE A 163 -4.21 0.25 -2.22
CA ILE A 163 -5.00 0.18 -3.45
C ILE A 163 -5.62 1.53 -3.80
N GLN A 164 -5.23 2.05 -4.97
CA GLN A 164 -5.91 3.17 -5.59
C GLN A 164 -6.86 2.62 -6.64
N ALA A 165 -8.16 2.73 -6.37
CA ALA A 165 -9.20 2.27 -7.29
C ALA A 165 -10.58 2.66 -6.78
N CYS A 166 -11.52 2.89 -7.71
CA CYS A 166 -12.93 3.00 -7.38
C CYS A 166 -13.38 1.68 -6.77
N ARG A 167 -14.35 1.74 -5.86
CA ARG A 167 -14.92 0.53 -5.27
C ARG A 167 -16.40 0.43 -5.62
N GLY A 168 -16.78 1.17 -6.68
CA GLY A 168 -18.15 1.28 -7.11
C GLY A 168 -18.38 2.61 -7.81
N ASP A 169 -19.64 2.92 -8.10
CA ASP A 169 -19.98 4.10 -8.90
C ASP A 169 -20.44 5.30 -8.09
N SER A 170 -20.74 5.09 -6.81
CA SER A 170 -21.34 6.14 -5.98
C SER A 170 -20.35 7.25 -5.59
N PRO A 171 -20.86 8.48 -5.49
CA PRO A 171 -20.04 9.64 -5.09
C PRO A 171 -19.57 9.57 -3.64
N GLY A 172 -20.24 8.76 -2.81
CA GLY A 172 -19.86 8.57 -1.43
C GLY A 172 -20.27 9.71 -0.51
N VAL A 173 -21.32 10.43 -0.88
CA VAL A 173 -21.78 11.59 -0.10
C VAL A 173 -23.28 11.61 0.12
N VAL A 174 -23.68 12.32 1.17
CA VAL A 174 -25.08 12.54 1.53
C VAL A 174 -25.19 13.98 2.02
N TRP A 175 -26.38 14.57 1.89
CA TRP A 175 -26.61 15.95 2.33
C TRP A 175 -27.18 16.02 3.75
N PHE A 176 -26.87 17.12 4.42
CA PHE A 176 -27.47 17.47 5.71
C PHE A 176 -27.53 19.00 5.80
N LYS A 177 -28.49 19.51 6.55
CA LYS A 177 -28.60 20.96 6.70
C LYS A 177 -27.95 21.45 7.98
N ASP A 178 -27.34 22.64 7.91
CA ASP A 178 -26.78 23.30 9.09
C ASP A 178 -27.48 24.64 9.36
N ALA B 1 10.98 -31.17 14.27
CA ALA B 1 9.63 -30.92 14.83
C ALA B 1 8.88 -29.84 14.05
N ILE B 2 7.56 -29.90 14.07
CA ILE B 2 6.72 -28.92 13.38
C ILE B 2 5.89 -28.10 14.37
N LYS B 3 5.64 -26.85 14.00
CA LYS B 3 4.87 -25.93 14.83
C LYS B 3 3.76 -25.27 14.02
N LYS B 4 2.65 -24.95 14.70
CA LYS B 4 1.52 -24.27 14.08
C LYS B 4 1.76 -22.76 13.99
N ALA B 5 1.30 -22.18 12.88
CA ALA B 5 1.32 -20.74 12.68
C ALA B 5 0.00 -20.31 12.04
N HIS B 6 -0.45 -19.10 12.38
CA HIS B 6 -1.65 -18.52 11.76
C HIS B 6 -1.41 -18.41 10.26
N ILE B 7 -2.39 -18.85 9.48
CA ILE B 7 -2.30 -18.77 8.02
C ILE B 7 -2.27 -17.31 7.54
N GLU B 8 -3.07 -16.45 8.19
CA GLU B 8 -3.14 -15.05 7.85
C GLU B 8 -2.88 -14.19 9.08
N LYS B 9 -1.80 -13.41 9.00
CA LYS B 9 -1.37 -12.54 10.10
C LYS B 9 -0.44 -11.46 9.56
N ASP B 10 -0.40 -10.32 10.26
CA ASP B 10 0.52 -9.20 9.97
C ASP B 10 0.24 -8.51 8.64
N PHE B 11 -1.04 -8.45 8.28
CA PHE B 11 -1.48 -7.74 7.08
C PHE B 11 -2.12 -6.41 7.47
N ILE B 12 -1.99 -5.42 6.60
CA ILE B 12 -2.86 -4.24 6.62
C ILE B 12 -3.09 -3.75 5.20
N ALA B 13 -4.37 -3.61 4.83
CA ALA B 13 -4.71 -3.04 3.53
C ALA B 13 -5.29 -1.64 3.71
N PHE B 14 -4.95 -0.75 2.78
CA PHE B 14 -5.45 0.62 2.79
C PHE B 14 -6.01 0.97 1.42
N CYS B 15 -7.33 1.12 1.36
CA CYS B 15 -8.05 1.41 0.10
C CYS B 15 -8.35 2.90 -0.01
N SER B 16 -8.53 3.37 -1.25
CA SER B 16 -8.68 4.80 -1.52
C SER B 16 -10.05 5.39 -1.18
N SER B 17 -11.05 4.52 -1.04
CA SER B 17 -12.41 4.94 -0.69
C SER B 17 -13.14 3.86 0.11
N THR B 18 -14.37 4.15 0.53
CA THR B 18 -15.23 3.16 1.17
C THR B 18 -15.92 2.29 0.11
N PRO B 19 -16.35 1.09 0.46
CA PRO B 19 -17.04 0.20 -0.50
C PRO B 19 -18.22 0.88 -1.19
N ASP B 20 -18.38 0.59 -2.48
CA ASP B 20 -19.43 1.16 -3.35
C ASP B 20 -19.08 2.53 -3.92
N ASN B 21 -18.01 3.15 -3.42
CA ASN B 21 -17.70 4.55 -3.73
C ASN B 21 -16.48 4.79 -4.59
N VAL B 22 -16.51 5.90 -5.32
CA VAL B 22 -15.47 6.27 -6.26
C VAL B 22 -14.21 6.78 -5.57
N SER B 23 -13.09 6.67 -6.27
CA SER B 23 -11.85 7.30 -5.86
C SER B 23 -11.41 8.20 -7.00
N TRP B 24 -10.92 9.40 -6.65
CA TRP B 24 -10.67 10.44 -7.62
C TRP B 24 -9.20 10.52 -8.06
N ARG B 25 -8.99 10.96 -9.29
CA ARG B 25 -7.68 11.10 -9.89
C ARG B 25 -7.64 12.33 -10.82
N HIS B 26 -6.62 13.16 -10.64
CA HIS B 26 -6.41 14.34 -11.47
C HIS B 26 -5.44 14.02 -12.61
N PRO B 27 -5.75 14.47 -13.83
CA PRO B 27 -4.93 14.19 -15.02
C PRO B 27 -3.47 14.65 -14.94
N THR B 28 -3.17 15.71 -14.21
CA THR B 28 -1.79 16.20 -14.08
C THR B 28 -1.24 16.10 -12.66
N MET B 29 -2.13 16.13 -11.66
CA MET B 29 -1.73 16.07 -10.26
C MET B 29 -1.64 14.65 -9.70
N GLY B 30 -2.29 13.70 -10.39
CA GLY B 30 -2.30 12.32 -9.97
C GLY B 30 -3.49 11.99 -9.08
N SER B 31 -3.46 10.81 -8.49
CA SER B 31 -4.50 10.37 -7.57
C SER B 31 -4.35 11.03 -6.21
N VAL B 32 -5.44 11.61 -5.71
CA VAL B 32 -5.42 12.37 -4.46
C VAL B 32 -5.02 11.52 -3.25
N PHE B 33 -5.52 10.29 -3.19
CA PHE B 33 -5.21 9.35 -2.10
C PHE B 33 -3.71 9.03 -2.07
N ILE B 34 -3.12 8.82 -3.25
CA ILE B 34 -1.70 8.51 -3.38
C ILE B 34 -0.82 9.69 -2.95
N GLY B 35 -1.13 10.87 -3.46
CA GLY B 35 -0.40 12.09 -3.10
C GLY B 35 -0.50 12.40 -1.62
N ARG B 36 -1.70 12.23 -1.06
CA ARG B 36 -1.95 12.44 0.36
C ARG B 36 -1.19 11.43 1.23
N LEU B 37 -1.12 10.20 0.75
CA LEU B 37 -0.39 9.13 1.45
C LEU B 37 1.11 9.40 1.47
N ILE B 38 1.67 9.77 0.32
CA ILE B 38 3.08 10.14 0.22
C ILE B 38 3.39 11.27 1.20
N GLU B 39 2.62 12.36 1.13
CA GLU B 39 2.77 13.49 2.03
C GLU B 39 2.79 13.05 3.49
N HIS B 40 1.81 12.25 3.90
CA HIS B 40 1.69 11.80 5.29
C HIS B 40 2.79 10.81 5.70
N MET B 41 3.17 9.92 4.78
CA MET B 41 4.29 9.02 5.02
C MET B 41 5.56 9.84 5.24
N GLN B 42 5.83 10.79 4.34
CA GLN B 42 7.01 11.65 4.42
C GLN B 42 7.12 12.38 5.76
N GLU B 43 5.98 12.89 6.23
CA GLU B 43 5.92 13.67 7.45
C GLU B 43 5.93 12.82 8.73
N TYR B 44 5.20 11.70 8.71
CA TYR B 44 4.90 10.98 9.95
C TYR B 44 5.56 9.61 10.15
N ALA B 45 6.25 9.10 9.13
CA ALA B 45 6.93 7.81 9.25
C ALA B 45 7.97 7.79 10.39
N CYS B 46 8.57 8.96 10.66
CA CYS B 46 9.56 9.11 11.72
C CYS B 46 9.00 8.93 13.13
N SER B 47 7.73 9.28 13.33
CA SER B 47 7.15 9.35 14.67
C SER B 47 5.92 8.45 14.90
N CYS B 48 5.27 8.02 13.82
CA CYS B 48 4.03 7.25 13.93
C CYS B 48 4.11 5.90 13.24
N ASP B 49 3.48 4.90 13.81
CA ASP B 49 3.34 3.59 13.16
C ASP B 49 2.31 3.69 12.02
N VAL B 50 2.34 2.74 11.09
CA VAL B 50 1.51 2.83 9.87
C VAL B 50 0.01 2.99 10.13
N GLU B 51 -0.50 2.29 11.14
CA GLU B 51 -1.92 2.39 11.53
C GLU B 51 -2.27 3.84 11.88
N GLU B 52 -1.40 4.49 12.65
CA GLU B 52 -1.55 5.90 13.02
C GLU B 52 -1.52 6.79 11.78
N ILE B 53 -0.55 6.55 10.89
CA ILE B 53 -0.39 7.35 9.68
C ILE B 53 -1.63 7.27 8.80
N PHE B 54 -2.17 6.06 8.68
CA PHE B 54 -3.34 5.79 7.85
C PHE B 54 -4.58 6.50 8.39
N ARG B 55 -4.70 6.54 9.71
CA ARG B 55 -5.77 7.28 10.37
C ARG B 55 -5.69 8.78 10.05
N LYS B 56 -4.48 9.33 10.11
CA LYS B 56 -4.25 10.73 9.78
C LYS B 56 -4.65 11.03 8.33
N VAL B 57 -4.35 10.12 7.42
CA VAL B 57 -4.77 10.24 6.02
C VAL B 57 -6.30 10.31 5.90
N ARG B 58 -6.98 9.40 6.59
CA ARG B 58 -8.45 9.42 6.67
C ARG B 58 -8.95 10.76 7.17
N PHE B 59 -8.35 11.25 8.26
CA PHE B 59 -8.71 12.54 8.84
C PHE B 59 -8.55 13.70 7.85
N SER B 60 -7.50 13.66 7.03
CA SER B 60 -7.24 14.71 6.03
C SER B 60 -8.34 14.82 4.97
N PHE B 61 -9.09 13.73 4.79
CA PHE B 61 -10.19 13.68 3.83
C PHE B 61 -11.55 14.05 4.45
N GLU B 62 -11.54 14.30 5.76
CA GLU B 62 -12.77 14.48 6.56
C GLU B 62 -13.78 15.49 5.99
N GLN B 63 -13.29 16.62 5.50
CA GLN B 63 -14.15 17.65 4.92
C GLN B 63 -14.34 17.40 3.42
N PRO B 64 -15.55 17.02 3.03
CA PRO B 64 -15.81 16.65 1.63
C PRO B 64 -16.03 17.87 0.74
N ASP B 65 -15.53 17.79 -0.49
CA ASP B 65 -15.83 18.77 -1.54
C ASP B 65 -16.61 18.11 -2.67
N GLY B 66 -16.53 18.68 -3.88
CA GLY B 66 -17.20 18.13 -5.04
C GLY B 66 -16.69 16.76 -5.45
N ARG B 67 -15.42 16.50 -5.14
CA ARG B 67 -14.80 15.20 -5.38
C ARG B 67 -14.37 14.61 -4.03
N ALA B 68 -15.29 13.92 -3.38
CA ALA B 68 -15.09 13.41 -2.02
C ALA B 68 -14.83 11.92 -1.97
N GLN B 69 -13.96 11.51 -1.04
CA GLN B 69 -13.67 10.10 -0.79
C GLN B 69 -13.17 9.87 0.63
N MET B 70 -13.42 8.69 1.17
CA MET B 70 -12.97 8.33 2.51
C MET B 70 -12.16 7.03 2.46
N PRO B 71 -10.83 7.16 2.46
CA PRO B 71 -9.95 5.99 2.46
C PRO B 71 -10.23 5.05 3.63
N THR B 72 -10.08 3.75 3.39
CA THR B 72 -10.55 2.73 4.31
C THR B 72 -9.46 1.69 4.56
N THR B 73 -9.19 1.44 5.83
CA THR B 73 -8.27 0.38 6.25
C THR B 73 -9.04 -0.93 6.35
N GLU B 74 -8.48 -2.01 5.81
CA GLU B 74 -9.20 -3.28 5.68
C GLU B 74 -8.36 -4.48 6.12
N ARG B 75 -9.05 -5.51 6.60
CA ARG B 75 -8.46 -6.81 6.94
C ARG B 75 -7.14 -6.70 7.69
N VAL B 76 -7.19 -6.07 8.86
CA VAL B 76 -5.99 -5.78 9.63
C VAL B 76 -5.69 -6.89 10.62
N THR B 77 -4.50 -7.48 10.49
CA THR B 77 -4.04 -8.52 11.40
C THR B 77 -2.66 -8.18 11.97
N LEU B 78 -2.29 -6.90 11.93
CA LEU B 78 -1.08 -6.45 12.60
C LEU B 78 -1.24 -6.69 14.10
N THR B 79 -0.29 -7.39 14.69
CA THR B 79 -0.34 -7.71 16.12
C THR B 79 0.56 -6.79 16.91
N ARG B 80 1.41 -6.06 16.19
CA ARG B 80 2.34 -5.10 16.77
C ARG B 80 2.23 -3.77 16.02
N CYS B 81 2.88 -2.75 16.56
CA CYS B 81 3.01 -1.47 15.86
C CYS B 81 4.11 -1.60 14.80
N PHE B 82 3.82 -1.12 13.60
CA PHE B 82 4.81 -1.14 12.52
C PHE B 82 5.37 0.26 12.32
N TYR B 83 6.56 0.48 12.86
CA TYR B 83 7.30 1.72 12.65
C TYR B 83 8.32 1.52 11.54
N LEU B 84 8.40 2.48 10.63
CA LEU B 84 9.30 2.40 9.49
C LEU B 84 10.74 2.76 9.86
N PHE B 85 10.90 3.45 10.99
CA PHE B 85 12.19 3.98 11.44
C PHE B 85 13.05 4.57 10.30
N PRO B 86 12.54 5.54 9.56
CA PRO B 86 13.28 6.11 8.41
C PRO B 86 14.63 6.66 8.84
N GLY B 87 15.67 6.33 8.07
CA GLY B 87 17.04 6.63 8.44
C GLY B 87 17.73 5.42 9.05
N HIS B 88 16.93 4.44 9.48
CA HIS B 88 17.45 3.20 10.05
C HIS B 88 17.00 2.01 9.21
O13 158 C . -11.88 7.19 -13.04
C5 158 C . -11.97 7.56 -11.88
C6 158 C . -12.59 8.89 -11.56
S7 158 C . -11.35 10.14 -11.64
N4 158 C . -11.55 6.82 -10.85
C3 158 C . -10.93 5.51 -11.01
C2 158 C . -11.91 4.37 -10.91
O8 158 C . -11.50 3.22 -10.98
C1 158 C . -13.38 4.63 -10.71
C9 158 C . -9.81 5.32 -9.99
C10 158 C . -8.47 5.76 -10.54
O11 158 C . -8.27 5.75 -11.78
O12 158 C . -7.58 6.11 -9.73
#